data_4PZ8
#
_entry.id   4PZ8
#
_cell.length_a   87.671
_cell.length_b   88.512
_cell.length_c   160.281
_cell.angle_alpha   90.00
_cell.angle_beta   90.00
_cell.angle_gamma   90.00
#
_symmetry.space_group_name_H-M   'I 2 2 2'
#
loop_
_entity.id
_entity.type
_entity.pdbx_description
1 polymer 'mRNA-capping enzyme subunit alpha'
2 polymer 'Transcription elongation factor spt5'
3 non-polymer 'SULFATE ION'
4 water water
#
loop_
_entity_poly.entity_id
_entity_poly.type
_entity_poly.pdbx_seq_one_letter_code
_entity_poly.pdbx_strand_id
1 'polypeptide(L)'
;SMAPSEKDIEEVSVPGVLAPRDDVRVLKTRIAKLLGTSPDTFPGSQPVSFSKKHLQALKEKNYFVCE(GPL)SDGIRCLL
YMTEHPRYENRPSVYLFDRKMNFYHVEKIFYPVENDKSGKKYHVDTLLDGELVLDIYPGGKKQLRYLVFDCLACDGIVYM
SRLLDKRLGIFAKSIQKPLDEYTKTHMRETAIFPFLTSLKKMELGHGILKLFNEVIPRLRHGNDGLIFTCTETPYVSGTD
QSLLKWKPKEMNTIDFMLKLEFAQPEEGDIDYSAMPEFQLGVWEGRNMYSFFAFMYVDEKEWEKLKSFNVPLSERIVECY
LDDENRWRFLRFRDDKRDANHISTVKSVLQSIEDGVSKEDLLKEMPIIREAYYNRKKPSVTKRKLDETSNDDAPAIKKVA
KESEKEI
;
A
2 'polypeptide(L)' TPAWNSGSRTPAWNSGSK B
#
# COMPACT_ATOMS: atom_id res chain seq x y z
N ALA A 3 21.35 -12.21 10.53
CA ALA A 3 20.98 -12.53 9.16
C ALA A 3 19.60 -11.97 8.81
N PRO A 4 19.54 -10.68 8.46
CA PRO A 4 18.30 -10.00 8.09
C PRO A 4 17.61 -10.62 6.87
N SER A 5 16.33 -10.94 7.02
CA SER A 5 15.53 -11.50 5.93
C SER A 5 14.06 -11.15 6.15
N GLU A 6 13.16 -12.01 5.65
CA GLU A 6 11.73 -11.81 5.86
C GLU A 6 10.97 -13.13 5.89
N GLU A 11 3.78 -10.13 7.81
CA GLU A 11 3.02 -9.82 6.60
C GLU A 11 1.54 -10.12 6.78
N VAL A 12 0.73 -9.75 5.80
CA VAL A 12 -0.71 -9.95 5.87
C VAL A 12 -1.24 -10.73 4.66
N SER A 13 -2.36 -11.43 4.84
CA SER A 13 -3.00 -12.17 3.76
C SER A 13 -4.51 -12.07 3.85
N VAL A 14 -5.20 -12.27 2.74
CA VAL A 14 -6.66 -12.19 2.71
C VAL A 14 -7.29 -13.31 3.53
N PRO A 15 -8.13 -12.94 4.51
CA PRO A 15 -8.78 -13.88 5.43
C PRO A 15 -9.70 -14.88 4.74
N GLY A 16 -10.30 -14.47 3.63
CA GLY A 16 -11.25 -15.32 2.92
C GLY A 16 -10.60 -16.46 2.16
N VAL A 17 -11.43 -17.29 1.53
CA VAL A 17 -10.95 -18.38 0.70
C VAL A 17 -11.46 -18.16 -0.73
N LEU A 18 -10.61 -18.45 -1.71
CA LEU A 18 -10.95 -18.24 -3.12
C LEU A 18 -12.30 -18.85 -3.51
N ALA A 19 -13.17 -18.00 -4.05
CA ALA A 19 -14.51 -18.43 -4.44
C ALA A 19 -14.48 -19.18 -5.78
N PRO A 20 -15.41 -20.15 -5.95
CA PRO A 20 -15.54 -20.90 -7.20
C PRO A 20 -15.85 -19.99 -8.38
N ARG A 21 -15.48 -20.43 -9.59
CA ARG A 21 -15.63 -19.62 -10.80
C ARG A 21 -17.08 -19.25 -11.13
N ASP A 22 -17.98 -20.22 -10.99
CA ASP A 22 -19.39 -19.98 -11.29
C ASP A 22 -20.06 -19.08 -10.25
N ASP A 23 -19.30 -18.67 -9.24
CA ASP A 23 -19.75 -17.69 -8.26
C ASP A 23 -19.17 -16.32 -8.61
N VAL A 24 -17.88 -16.28 -8.90
CA VAL A 24 -17.19 -15.03 -9.22
C VAL A 24 -17.66 -14.45 -10.55
N ARG A 25 -18.19 -15.30 -11.42
CA ARG A 25 -18.72 -14.82 -12.70
C ARG A 25 -20.05 -14.10 -12.47
N VAL A 26 -20.90 -14.69 -11.62
CA VAL A 26 -22.16 -14.08 -11.24
C VAL A 26 -21.90 -12.77 -10.50
N LEU A 27 -20.94 -12.77 -9.60
CA LEU A 27 -20.55 -11.57 -8.87
C LEU A 27 -20.07 -10.48 -9.83
N LYS A 28 -19.19 -10.85 -10.75
CA LYS A 28 -18.68 -9.93 -11.76
C LYS A 28 -19.82 -9.31 -12.56
N THR A 29 -20.78 -10.13 -12.97
CA THR A 29 -21.93 -9.65 -13.73
C THR A 29 -22.78 -8.68 -12.92
N ARG A 30 -23.03 -9.04 -11.66
CA ARG A 30 -23.84 -8.21 -10.75
C ARG A 30 -23.21 -6.84 -10.55
N ILE A 31 -21.92 -6.83 -10.21
CA ILE A 31 -21.18 -5.59 -10.02
C ILE A 31 -21.14 -4.77 -11.30
N ALA A 32 -20.98 -5.46 -12.43
CA ALA A 32 -20.95 -4.81 -13.73
C ALA A 32 -22.26 -4.11 -14.03
N LYS A 33 -23.37 -4.73 -13.63
CA LYS A 33 -24.69 -4.15 -13.85
C LYS A 33 -24.93 -3.00 -12.88
N LEU A 34 -24.34 -3.09 -11.70
CA LEU A 34 -24.48 -2.03 -10.69
C LEU A 34 -23.74 -0.76 -11.08
N LEU A 35 -22.46 -0.90 -11.42
CA LEU A 35 -21.62 0.25 -11.72
C LEU A 35 -21.64 0.67 -13.20
N GLY A 36 -22.15 -0.21 -14.05
CA GLY A 36 -22.21 0.07 -15.47
C GLY A 36 -20.84 -0.01 -16.13
N THR A 37 -20.09 -1.06 -15.79
CA THR A 37 -18.77 -1.28 -16.36
C THR A 37 -18.63 -2.70 -16.90
N SER A 38 -17.48 -2.99 -17.50
CA SER A 38 -17.20 -4.33 -18.01
C SER A 38 -16.99 -5.27 -16.82
N PRO A 39 -17.53 -6.49 -16.91
CA PRO A 39 -17.47 -7.47 -15.82
C PRO A 39 -16.04 -7.87 -15.46
N ASP A 40 -15.17 -7.97 -16.45
CA ASP A 40 -13.79 -8.38 -16.22
C ASP A 40 -12.87 -7.21 -15.90
N THR A 41 -13.36 -6.00 -16.15
CA THR A 41 -12.57 -4.79 -15.89
C THR A 41 -12.68 -4.36 -14.42
N PHE A 42 -11.54 -4.15 -13.78
CA PHE A 42 -11.50 -3.72 -12.38
C PHE A 42 -12.06 -2.30 -12.25
N PRO A 43 -13.12 -2.15 -11.43
CA PRO A 43 -13.81 -0.87 -11.25
C PRO A 43 -13.06 0.07 -10.33
N GLY A 44 -12.07 -0.44 -9.62
CA GLY A 44 -11.29 0.37 -8.70
C GLY A 44 -10.38 1.37 -9.37
N SER A 45 -9.85 2.31 -8.59
CA SER A 45 -8.97 3.34 -9.12
C SER A 45 -7.51 3.07 -8.77
N GLN A 46 -6.62 3.54 -9.63
CA GLN A 46 -5.18 3.43 -9.39
C GLN A 46 -4.52 4.79 -9.51
N PRO A 47 -3.67 5.15 -8.52
CA PRO A 47 -3.03 6.46 -8.47
C PRO A 47 -1.91 6.62 -9.48
N VAL A 48 -1.38 7.83 -9.59
CA VAL A 48 -0.23 8.11 -10.45
C VAL A 48 0.93 8.61 -9.59
N SER A 49 2.15 8.48 -10.09
CA SER A 49 3.33 8.92 -9.35
C SER A 49 3.31 10.43 -9.15
N PHE A 50 3.55 10.86 -7.91
CA PHE A 50 3.58 12.28 -7.59
C PHE A 50 4.84 12.92 -8.18
N SER A 51 4.66 13.75 -9.20
CA SER A 51 5.78 14.46 -9.82
C SER A 51 5.75 15.93 -9.43
N LYS A 52 6.58 16.73 -10.10
CA LYS A 52 6.69 18.14 -9.80
C LYS A 52 5.41 18.91 -10.13
N LYS A 53 4.81 18.58 -11.28
CA LYS A 53 3.62 19.27 -11.76
C LYS A 53 2.43 19.18 -10.83
N HIS A 54 2.53 18.32 -9.82
CA HIS A 54 1.44 18.14 -8.86
C HIS A 54 1.52 19.16 -7.72
N LEU A 55 2.71 19.72 -7.51
CA LEU A 55 2.90 20.76 -6.50
C LEU A 55 1.99 21.94 -6.79
N GLN A 56 1.81 22.24 -8.08
CA GLN A 56 0.90 23.29 -8.49
C GLN A 56 -0.54 22.83 -8.35
N ALA A 57 -0.78 21.54 -8.62
CA ALA A 57 -2.12 20.98 -8.57
C ALA A 57 -2.76 21.13 -7.18
N LEU A 58 -1.95 20.87 -6.15
CA LEU A 58 -2.42 20.99 -4.77
C LEU A 58 -2.80 22.42 -4.42
N LYS A 59 -2.34 23.38 -5.23
CA LYS A 59 -2.67 24.78 -5.01
C LYS A 59 -3.93 25.20 -5.76
N GLU A 60 -4.37 24.36 -6.70
CA GLU A 60 -5.51 24.71 -7.55
C GLU A 60 -6.77 23.94 -7.20
N LYS A 61 -6.65 22.92 -6.35
CA LYS A 61 -7.80 22.13 -5.94
C LYS A 61 -7.72 21.70 -4.48
N ASN A 62 -8.87 21.36 -3.90
CA ASN A 62 -8.91 20.85 -2.53
C ASN A 62 -8.49 19.38 -2.47
N TYR A 63 -7.55 19.07 -1.60
CA TYR A 63 -7.04 17.71 -1.49
C TYR A 63 -7.11 17.16 -0.07
N PHE A 64 -7.10 15.84 0.03
CA PHE A 64 -7.04 15.15 1.31
C PHE A 64 -5.77 14.32 1.30
N VAL A 65 -4.97 14.39 2.36
CA VAL A 65 -3.78 13.56 2.42
C VAL A 65 -3.89 12.50 3.51
N CYS A 66 -3.39 11.30 3.23
CA CYS A 66 -3.38 10.24 4.23
C CYS A 66 -2.17 9.34 4.08
N GLU A 67 -1.74 8.75 5.19
CA GLU A 67 -0.61 7.84 5.18
C GLU A 67 -0.88 6.64 4.26
N SER A 69 -0.47 3.30 3.87
CA SER A 69 -0.13 2.06 4.55
C SER A 69 0.29 1.00 3.53
N ASP A 70 1.18 0.10 3.93
CA ASP A 70 1.52 -1.02 3.07
C ASP A 70 0.69 -2.24 3.47
N GLY A 71 0.06 -2.86 2.48
CA GLY A 71 -0.80 -4.01 2.72
C GLY A 71 -1.46 -4.42 1.43
N ILE A 72 -2.63 -5.06 1.54
CA ILE A 72 -3.33 -5.53 0.36
C ILE A 72 -4.53 -4.64 0.02
N ARG A 73 -4.45 -3.96 -1.11
CA ARG A 73 -5.55 -3.12 -1.58
C ARG A 73 -6.59 -4.01 -2.25
N CYS A 74 -7.81 -3.96 -1.73
CA CYS A 74 -8.90 -4.78 -2.27
C CYS A 74 -10.26 -4.18 -1.94
N LEU A 75 -11.18 -4.25 -2.90
CA LEU A 75 -12.53 -3.74 -2.68
C LEU A 75 -13.37 -4.75 -1.89
N LEU A 76 -14.24 -4.22 -1.03
CA LEU A 76 -15.13 -5.05 -0.23
C LEU A 76 -16.54 -4.98 -0.82
N TYR A 77 -17.22 -6.11 -0.88
CA TYR A 77 -18.52 -6.19 -1.52
C TYR A 77 -19.55 -6.89 -0.65
N MET A 78 -20.54 -6.12 -0.19
CA MET A 78 -21.64 -6.65 0.58
C MET A 78 -22.79 -6.98 -0.36
N THR A 79 -23.18 -8.25 -0.39
CA THR A 79 -24.22 -8.73 -1.29
C THR A 79 -24.89 -9.98 -0.75
N GLU A 80 -25.64 -10.66 -1.61
CA GLU A 80 -26.23 -11.95 -1.27
C GLU A 80 -25.40 -13.05 -1.90
N HIS A 81 -25.37 -14.21 -1.25
CA HIS A 81 -24.60 -15.34 -1.76
C HIS A 81 -25.12 -15.77 -3.13
N PRO A 82 -24.20 -16.02 -4.08
CA PRO A 82 -24.56 -16.44 -5.43
C PRO A 82 -25.40 -17.71 -5.45
N ARG A 83 -25.04 -18.70 -4.65
CA ARG A 83 -25.76 -19.97 -4.59
C ARG A 83 -27.07 -19.86 -3.82
N TYR A 84 -26.97 -19.85 -2.49
CA TYR A 84 -28.15 -19.75 -1.64
C TYR A 84 -28.86 -18.42 -1.86
N GLU A 85 -30.20 -18.45 -1.89
CA GLU A 85 -30.99 -17.25 -2.19
C GLU A 85 -30.76 -16.08 -1.23
N ASN A 86 -31.20 -16.23 0.02
CA ASN A 86 -31.05 -15.18 1.01
C ASN A 86 -29.96 -15.47 2.04
N ARG A 87 -28.72 -15.16 1.69
CA ARG A 87 -27.59 -15.34 2.60
C ARG A 87 -26.61 -14.19 2.48
N PRO A 88 -26.57 -13.33 3.51
CA PRO A 88 -25.66 -12.18 3.56
C PRO A 88 -24.21 -12.62 3.40
N SER A 89 -23.53 -12.07 2.40
CA SER A 89 -22.14 -12.43 2.12
C SER A 89 -21.26 -11.22 1.83
N VAL A 90 -20.00 -11.33 2.22
CA VAL A 90 -19.00 -10.29 2.02
C VAL A 90 -17.83 -10.84 1.21
N TYR A 91 -17.45 -10.14 0.14
CA TYR A 91 -16.36 -10.60 -0.72
C TYR A 91 -15.25 -9.57 -0.86
N LEU A 92 -14.00 -10.01 -0.72
CA LEU A 92 -12.86 -9.13 -0.93
C LEU A 92 -12.20 -9.45 -2.27
N PHE A 93 -12.06 -8.46 -3.14
CA PHE A 93 -11.39 -8.71 -4.42
C PHE A 93 -10.35 -7.67 -4.79
N ASP A 94 -9.18 -8.13 -5.24
CA ASP A 94 -8.08 -7.25 -5.59
C ASP A 94 -8.13 -6.77 -7.04
N ARG A 95 -7.08 -6.05 -7.46
CA ARG A 95 -7.00 -5.50 -8.80
C ARG A 95 -6.87 -6.57 -9.88
N LYS A 96 -6.55 -7.79 -9.46
CA LYS A 96 -6.41 -8.91 -10.39
C LYS A 96 -7.69 -9.72 -10.47
N MET A 97 -8.76 -9.16 -9.91
CA MET A 97 -10.09 -9.78 -9.93
C MET A 97 -10.15 -11.17 -9.30
N ASN A 98 -9.39 -11.36 -8.23
CA ASN A 98 -9.44 -12.61 -7.47
C ASN A 98 -10.39 -12.46 -6.28
N PHE A 99 -11.53 -13.15 -6.35
CA PHE A 99 -12.56 -13.01 -5.33
C PHE A 99 -12.39 -13.96 -4.15
N TYR A 100 -12.45 -13.39 -2.95
CA TYR A 100 -12.32 -14.16 -1.71
C TYR A 100 -13.60 -14.02 -0.90
N HIS A 101 -14.21 -15.15 -0.54
CA HIS A 101 -15.41 -15.14 0.27
C HIS A 101 -15.06 -15.06 1.75
N VAL A 102 -15.43 -13.95 2.39
CA VAL A 102 -15.15 -13.77 3.81
C VAL A 102 -16.32 -14.29 4.65
N GLU A 103 -16.20 -15.53 5.10
CA GLU A 103 -17.19 -16.10 6.00
C GLU A 103 -16.92 -15.54 7.40
N LYS A 104 -17.91 -15.66 8.28
CA LYS A 104 -17.77 -15.24 9.68
C LYS A 104 -17.65 -13.73 9.86
N ILE A 105 -18.48 -12.97 9.16
CA ILE A 105 -18.48 -11.51 9.29
C ILE A 105 -19.83 -10.92 8.89
N PHE A 106 -20.23 -9.84 9.56
CA PHE A 106 -21.46 -9.14 9.23
C PHE A 106 -21.31 -7.63 9.42
N TYR A 107 -22.28 -6.88 8.90
CA TYR A 107 -22.26 -5.43 9.05
C TYR A 107 -23.63 -4.91 9.45
N PRO A 108 -23.78 -4.49 10.72
CA PRO A 108 -25.03 -4.00 11.28
C PRO A 108 -25.63 -2.84 10.49
N VAL A 109 -26.96 -2.81 10.40
CA VAL A 109 -27.66 -1.73 9.71
C VAL A 109 -28.06 -0.66 10.74
N GLU A 110 -28.08 0.60 10.31
CA GLU A 110 -28.36 1.72 11.20
C GLU A 110 -29.71 1.62 11.90
N ASN A 111 -29.69 1.68 13.23
CA ASN A 111 -30.89 1.60 14.05
C ASN A 111 -31.73 0.37 13.75
N ASP A 112 -31.11 -0.81 13.90
CA ASP A 112 -31.79 -2.07 13.61
C ASP A 112 -32.07 -2.85 14.89
N LYS A 113 -33.32 -2.77 15.36
CA LYS A 113 -33.75 -3.43 16.58
C LYS A 113 -33.60 -4.94 16.49
N SER A 114 -34.13 -5.52 15.41
CA SER A 114 -34.11 -6.96 15.20
C SER A 114 -32.69 -7.51 15.09
N GLY A 115 -31.94 -6.99 14.12
CA GLY A 115 -30.58 -7.44 13.89
C GLY A 115 -30.53 -8.46 12.76
N LYS A 116 -31.61 -8.55 12.00
CA LYS A 116 -31.70 -9.50 10.90
C LYS A 116 -31.49 -8.80 9.55
N LYS A 117 -31.53 -7.47 9.57
CA LYS A 117 -31.33 -6.69 8.35
C LYS A 117 -29.86 -6.68 7.97
N TYR A 118 -29.59 -6.64 6.66
CA TYR A 118 -28.22 -6.67 6.16
C TYR A 118 -28.06 -5.82 4.91
N HIS A 119 -26.81 -5.47 4.58
CA HIS A 119 -26.53 -4.61 3.44
C HIS A 119 -26.35 -5.40 2.15
N VAL A 120 -26.88 -4.85 1.05
CA VAL A 120 -26.72 -5.44 -0.27
C VAL A 120 -26.27 -4.38 -1.27
N ASP A 121 -25.63 -4.82 -2.34
CA ASP A 121 -25.10 -3.92 -3.36
C ASP A 121 -24.21 -2.83 -2.76
N THR A 122 -23.34 -3.21 -1.84
CA THR A 122 -22.46 -2.22 -1.21
C THR A 122 -20.99 -2.44 -1.53
N LEU A 123 -20.42 -1.53 -2.32
CA LEU A 123 -19.02 -1.66 -2.72
C LEU A 123 -18.13 -0.58 -2.08
N LEU A 124 -17.19 -1.03 -1.25
CA LEU A 124 -16.27 -0.13 -0.56
C LEU A 124 -14.85 -0.26 -1.08
N ASP A 125 -14.10 0.84 -1.05
CA ASP A 125 -12.71 0.85 -1.46
C ASP A 125 -11.82 1.04 -0.23
N GLY A 126 -11.02 0.03 0.08
CA GLY A 126 -10.16 0.09 1.25
C GLY A 126 -8.88 -0.72 1.13
N GLU A 127 -8.13 -0.79 2.23
CA GLU A 127 -6.87 -1.53 2.24
C GLU A 127 -6.77 -2.45 3.47
N LEU A 128 -6.17 -3.61 3.27
CA LEU A 128 -6.01 -4.59 4.34
C LEU A 128 -4.63 -4.51 4.97
N VAL A 129 -4.56 -4.09 6.23
CA VAL A 129 -3.28 -3.94 6.92
C VAL A 129 -3.20 -4.84 8.16
N LEU A 130 -2.00 -4.95 8.73
CA LEU A 130 -1.79 -5.74 9.93
C LEU A 130 -1.15 -4.91 11.04
N ASP A 131 -1.92 -4.63 12.08
CA ASP A 131 -1.44 -3.82 13.20
C ASP A 131 -0.73 -4.66 14.28
N ILE A 132 0.27 -4.05 14.91
CA ILE A 132 1.02 -4.71 15.98
C ILE A 132 0.70 -4.05 17.32
N TYR A 133 -0.01 -4.78 18.18
CA TYR A 133 -0.40 -4.28 19.49
C TYR A 133 0.57 -4.76 20.57
N PRO A 134 0.59 -4.09 21.74
CA PRO A 134 1.45 -4.46 22.87
C PRO A 134 1.46 -5.95 23.19
N GLY A 135 2.65 -6.53 23.27
CA GLY A 135 2.81 -7.94 23.56
C GLY A 135 3.10 -8.77 22.33
N GLY A 136 3.22 -8.10 21.19
CA GLY A 136 3.45 -8.78 19.92
C GLY A 136 2.15 -9.26 19.32
N LYS A 137 1.06 -9.03 20.04
CA LYS A 137 -0.27 -9.42 19.61
C LYS A 137 -0.67 -8.69 18.32
N LYS A 138 -0.95 -9.46 17.28
CA LYS A 138 -1.28 -8.88 15.98
C LYS A 138 -2.79 -8.76 15.76
N GLN A 139 -3.18 -7.81 14.91
CA GLN A 139 -4.59 -7.59 14.60
C GLN A 139 -4.79 -7.17 13.15
N LEU A 140 -5.49 -8.00 12.38
CA LEU A 140 -5.77 -7.69 10.99
C LEU A 140 -6.86 -6.62 10.91
N ARG A 141 -6.71 -5.66 10.00
CA ARG A 141 -7.63 -4.52 9.94
C ARG A 141 -7.95 -4.11 8.50
N TYR A 142 -9.16 -3.60 8.29
CA TYR A 142 -9.58 -3.08 6.99
C TYR A 142 -9.89 -1.59 7.05
N LEU A 143 -9.05 -0.79 6.41
CA LEU A 143 -9.18 0.66 6.43
C LEU A 143 -9.87 1.18 5.16
N VAL A 144 -11.08 1.72 5.32
CA VAL A 144 -11.83 2.24 4.19
C VAL A 144 -11.45 3.68 3.88
N PHE A 145 -11.08 3.95 2.63
CA PHE A 145 -10.76 5.31 2.20
C PHE A 145 -11.70 5.82 1.11
N ASP A 146 -12.58 4.96 0.61
CA ASP A 146 -13.58 5.38 -0.36
C ASP A 146 -14.78 4.43 -0.44
N CYS A 147 -15.79 4.83 -1.20
CA CYS A 147 -17.00 4.04 -1.37
C CYS A 147 -17.57 4.24 -2.77
N LEU A 148 -17.62 3.17 -3.55
CA LEU A 148 -18.13 3.23 -4.93
C LEU A 148 -19.64 3.18 -4.95
N ALA A 149 -20.22 2.32 -4.11
CA ALA A 149 -21.67 2.18 -4.03
C ALA A 149 -22.09 1.79 -2.62
N CYS A 150 -23.25 2.27 -2.19
CA CYS A 150 -23.75 1.98 -0.85
C CYS A 150 -25.26 1.79 -0.83
N ASP A 151 -25.67 0.58 -0.46
CA ASP A 151 -27.09 0.22 -0.34
C ASP A 151 -27.89 0.39 -1.64
N GLY A 152 -27.24 0.19 -2.77
CA GLY A 152 -27.92 0.24 -4.06
C GLY A 152 -27.72 1.54 -4.82
N ILE A 153 -27.06 2.51 -4.20
CA ILE A 153 -26.82 3.79 -4.85
C ILE A 153 -25.35 3.95 -5.24
N VAL A 154 -25.10 4.31 -6.49
CA VAL A 154 -23.74 4.48 -6.99
C VAL A 154 -23.25 5.91 -6.77
N TYR A 155 -22.32 6.09 -5.85
CA TYR A 155 -21.80 7.41 -5.51
C TYR A 155 -20.55 7.78 -6.30
N MET A 156 -20.26 7.01 -7.35
CA MET A 156 -19.09 7.26 -8.19
C MET A 156 -19.20 8.59 -8.94
N SER A 157 -20.43 9.05 -9.15
CA SER A 157 -20.67 10.32 -9.83
C SER A 157 -20.52 11.49 -8.85
N ARG A 158 -20.59 11.18 -7.55
CA ARG A 158 -20.50 12.18 -6.52
C ARG A 158 -19.05 12.51 -6.16
N LEU A 159 -18.86 13.41 -5.21
CA LEU A 159 -17.52 13.77 -4.74
C LEU A 159 -17.15 12.97 -3.50
N LEU A 160 -15.91 13.12 -3.05
CA LEU A 160 -15.38 12.31 -1.95
C LEU A 160 -16.11 12.49 -0.62
N ASP A 161 -16.48 13.72 -0.28
CA ASP A 161 -17.14 13.99 0.99
C ASP A 161 -18.45 13.22 1.16
N LYS A 162 -19.18 13.07 0.07
CA LYS A 162 -20.44 12.34 0.09
C LYS A 162 -20.19 10.84 0.08
N ARG A 163 -19.17 10.43 -0.68
CA ARG A 163 -18.78 9.03 -0.78
C ARG A 163 -18.36 8.46 0.58
N LEU A 164 -17.64 9.27 1.35
CA LEU A 164 -17.23 8.85 2.68
C LEU A 164 -18.34 9.12 3.69
N GLY A 165 -19.16 10.11 3.40
CA GLY A 165 -20.27 10.47 4.27
C GLY A 165 -21.32 9.38 4.39
N ILE A 166 -21.76 8.86 3.25
CA ILE A 166 -22.76 7.79 3.24
C ILE A 166 -22.24 6.55 3.94
N PHE A 167 -20.96 6.23 3.73
CA PHE A 167 -20.33 5.09 4.38
C PHE A 167 -20.26 5.31 5.89
N ALA A 168 -20.00 6.55 6.28
CA ALA A 168 -19.91 6.90 7.70
C ALA A 168 -21.27 6.74 8.38
N LYS A 169 -22.32 7.21 7.71
CA LYS A 169 -23.66 7.14 8.27
C LYS A 169 -24.24 5.73 8.31
N SER A 170 -24.26 5.06 7.16
CA SER A 170 -24.97 3.77 7.06
C SER A 170 -24.17 2.52 7.43
N ILE A 171 -22.85 2.63 7.51
CA ILE A 171 -22.01 1.46 7.77
C ILE A 171 -21.10 1.57 8.99
N GLN A 172 -20.24 2.57 9.01
CA GLN A 172 -19.25 2.71 10.08
C GLN A 172 -19.89 2.99 11.45
N LYS A 173 -20.78 3.96 11.50
CA LYS A 173 -21.45 4.33 12.75
C LYS A 173 -22.25 3.18 13.39
N PRO A 174 -23.06 2.43 12.61
CA PRO A 174 -23.73 1.29 13.22
C PRO A 174 -22.75 0.22 13.68
N LEU A 175 -21.63 0.11 12.97
CA LEU A 175 -20.60 -0.87 13.32
C LEU A 175 -19.94 -0.52 14.65
N ASP A 176 -19.71 0.78 14.87
CA ASP A 176 -19.13 1.24 16.12
C ASP A 176 -20.13 1.10 17.26
N GLU A 177 -21.38 1.49 16.98
CA GLU A 177 -22.47 1.38 17.95
C GLU A 177 -22.62 -0.07 18.41
N TYR A 178 -22.52 -0.99 17.47
CA TYR A 178 -22.61 -2.41 17.79
C TYR A 178 -21.38 -2.88 18.54
N THR A 179 -20.21 -2.39 18.12
CA THR A 179 -18.94 -2.80 18.71
C THR A 179 -18.81 -2.44 20.19
N LYS A 180 -19.21 -1.21 20.54
CA LYS A 180 -19.07 -0.73 21.91
C LYS A 180 -19.94 -1.49 22.92
N THR A 181 -21.00 -2.14 22.44
CA THR A 181 -21.88 -2.90 23.32
C THR A 181 -21.55 -4.39 23.29
N HIS A 182 -21.27 -4.92 22.10
CA HIS A 182 -20.96 -6.33 21.93
C HIS A 182 -19.45 -6.53 21.77
N MET A 183 -18.77 -6.83 22.87
CA MET A 183 -17.32 -7.03 22.84
C MET A 183 -16.95 -8.41 22.27
N ARG A 184 -17.42 -9.46 22.94
CA ARG A 184 -17.11 -10.83 22.54
C ARG A 184 -17.56 -11.13 21.12
N GLU A 185 -18.68 -10.54 20.71
CA GLU A 185 -19.19 -10.72 19.36
C GLU A 185 -18.25 -10.11 18.33
N THR A 186 -17.73 -8.93 18.65
CA THR A 186 -16.84 -8.22 17.75
C THR A 186 -15.47 -8.90 17.68
N ALA A 187 -15.08 -9.53 18.78
CA ALA A 187 -13.77 -10.20 18.85
C ALA A 187 -13.66 -11.42 17.95
N ILE A 188 -14.77 -11.82 17.35
CA ILE A 188 -14.79 -13.00 16.48
C ILE A 188 -14.57 -12.62 15.02
N PHE A 189 -14.66 -11.33 14.73
CA PHE A 189 -14.49 -10.83 13.37
C PHE A 189 -13.09 -11.13 12.83
N PRO A 190 -13.00 -11.49 11.52
CA PRO A 190 -11.73 -11.79 10.87
C PRO A 190 -10.84 -10.57 10.83
N PHE A 191 -11.45 -9.39 10.90
CA PHE A 191 -10.74 -8.13 10.94
C PHE A 191 -11.65 -7.01 11.44
N LEU A 192 -11.05 -5.89 11.84
CA LEU A 192 -11.82 -4.73 12.26
C LEU A 192 -11.94 -3.73 11.11
N THR A 193 -13.19 -3.42 10.73
CA THR A 193 -13.43 -2.44 9.67
C THR A 193 -13.49 -1.04 10.26
N SER A 194 -12.67 -0.14 9.74
CA SER A 194 -12.65 1.23 10.24
C SER A 194 -12.32 2.24 9.14
N LEU A 195 -12.75 3.48 9.33
CA LEU A 195 -12.48 4.54 8.36
C LEU A 195 -11.06 5.05 8.55
N LYS A 196 -10.36 5.28 7.43
CA LYS A 196 -8.98 5.71 7.47
C LYS A 196 -8.85 7.17 7.86
N LYS A 197 -7.92 7.46 8.76
CA LYS A 197 -7.66 8.84 9.19
C LYS A 197 -7.08 9.65 8.05
N MET A 198 -7.76 10.73 7.69
CA MET A 198 -7.32 11.57 6.58
C MET A 198 -7.19 13.03 7.00
N GLU A 199 -6.13 13.69 6.54
CA GLU A 199 -5.88 15.10 6.85
C GLU A 199 -6.15 15.97 5.62
N LEU A 200 -6.10 17.28 5.80
CA LEU A 200 -6.23 18.20 4.67
C LEU A 200 -4.93 18.18 3.86
N GLY A 201 -5.03 18.56 2.59
CA GLY A 201 -3.90 18.50 1.67
C GLY A 201 -2.60 19.13 2.13
N HIS A 202 -2.68 20.00 3.14
CA HIS A 202 -1.50 20.68 3.65
C HIS A 202 -1.10 20.19 5.04
N GLY A 203 -1.77 19.14 5.51
CA GLY A 203 -1.50 18.60 6.83
C GLY A 203 -0.35 17.62 6.88
N ILE A 204 0.44 17.60 5.81
CA ILE A 204 1.59 16.71 5.66
C ILE A 204 2.46 16.62 6.92
N LEU A 205 2.85 17.79 7.43
CA LEU A 205 3.69 17.87 8.63
C LEU A 205 3.11 17.04 9.76
N LYS A 206 1.80 17.20 10.00
CA LYS A 206 1.13 16.49 11.08
C LYS A 206 1.25 14.98 10.94
N LEU A 207 1.27 14.50 9.70
CA LEU A 207 1.43 13.08 9.43
C LEU A 207 2.85 12.64 9.74
N PHE A 208 3.81 13.50 9.46
CA PHE A 208 5.22 13.16 9.65
C PHE A 208 5.64 13.09 11.11
N ASN A 209 5.19 14.04 11.91
CA ASN A 209 5.65 14.16 13.30
C ASN A 209 4.69 13.60 14.35
N GLU A 210 3.51 13.15 13.92
CA GLU A 210 2.50 12.66 14.86
C GLU A 210 1.84 11.33 14.46
N VAL A 211 1.28 11.30 13.25
CA VAL A 211 0.52 10.13 12.79
C VAL A 211 1.39 8.92 12.43
N ILE A 212 2.27 9.09 11.45
CA ILE A 212 3.13 8.00 10.98
C ILE A 212 4.01 7.31 12.05
N PRO A 213 4.74 8.08 12.87
CA PRO A 213 5.61 7.39 13.85
C PRO A 213 4.83 6.67 14.96
N ARG A 214 3.52 6.89 15.02
CA ARG A 214 2.70 6.22 16.03
C ARG A 214 1.80 5.14 15.43
N LEU A 215 2.05 4.80 14.17
CA LEU A 215 1.29 3.76 13.50
C LEU A 215 1.60 2.39 14.11
N ARG A 216 0.66 1.46 13.99
CA ARG A 216 0.85 0.11 14.49
C ARG A 216 1.09 -0.85 13.33
N HIS A 217 1.14 -0.29 12.12
CA HIS A 217 1.41 -1.07 10.92
C HIS A 217 2.45 -0.37 10.05
N GLY A 218 2.93 -1.07 9.02
CA GLY A 218 3.95 -0.52 8.15
C GLY A 218 3.49 0.68 7.34
N ASN A 219 4.43 1.33 6.68
CA ASN A 219 4.13 2.52 5.89
C ASN A 219 5.15 2.78 4.77
N ASP A 220 4.66 3.23 3.62
CA ASP A 220 5.54 3.64 2.52
C ASP A 220 4.97 4.81 1.72
N GLY A 221 5.17 6.02 2.23
CA GLY A 221 4.76 7.22 1.53
C GLY A 221 3.38 7.75 1.89
N LEU A 222 2.85 8.63 1.04
CA LEU A 222 1.56 9.27 1.28
C LEU A 222 0.65 9.19 0.06
N ILE A 223 -0.64 9.42 0.30
CA ILE A 223 -1.64 9.42 -0.77
C ILE A 223 -2.44 10.73 -0.75
N PHE A 224 -2.52 11.37 -1.91
CA PHE A 224 -3.30 12.59 -2.09
C PHE A 224 -4.57 12.27 -2.90
N THR A 225 -5.72 12.48 -2.28
CA THR A 225 -7.01 12.22 -2.91
C THR A 225 -7.77 13.53 -3.10
N CYS A 226 -8.03 13.88 -4.35
CA CYS A 226 -8.76 15.11 -4.65
C CYS A 226 -10.21 15.01 -4.18
N THR A 227 -10.66 16.05 -3.48
CA THR A 227 -12.02 16.08 -2.95
C THR A 227 -12.97 16.83 -3.87
N GLU A 228 -12.45 17.24 -5.04
CA GLU A 228 -13.26 17.98 -6.01
C GLU A 228 -13.49 17.16 -7.27
N THR A 229 -13.08 15.89 -7.26
CA THR A 229 -13.21 15.02 -8.42
C THR A 229 -14.09 13.82 -8.14
N PRO A 230 -14.84 13.34 -9.15
CA PRO A 230 -15.65 12.13 -9.02
C PRO A 230 -14.76 10.89 -8.97
N TYR A 231 -15.32 9.75 -8.58
CA TYR A 231 -14.56 8.51 -8.56
C TYR A 231 -14.33 8.03 -9.98
N VAL A 232 -13.08 7.70 -10.31
CA VAL A 232 -12.74 7.27 -11.66
C VAL A 232 -12.13 5.87 -11.68
N SER A 233 -12.77 4.96 -12.42
CA SER A 233 -12.26 3.60 -12.55
C SER A 233 -10.96 3.62 -13.35
N GLY A 234 -9.98 2.85 -12.88
CA GLY A 234 -8.68 2.80 -13.54
C GLY A 234 -7.75 3.90 -13.07
N THR A 235 -6.78 4.26 -13.90
CA THR A 235 -5.80 5.29 -13.55
C THR A 235 -6.45 6.65 -13.33
N ASP A 236 -6.26 7.21 -12.13
CA ASP A 236 -6.82 8.51 -11.77
C ASP A 236 -5.70 9.56 -11.71
N GLN A 237 -5.86 10.65 -12.46
CA GLN A 237 -4.87 11.70 -12.51
C GLN A 237 -4.91 12.55 -11.24
N SER A 238 -6.06 12.56 -10.57
CA SER A 238 -6.23 13.32 -9.35
C SER A 238 -5.69 12.56 -8.14
N LEU A 239 -5.59 11.24 -8.27
CA LEU A 239 -5.08 10.40 -7.19
C LEU A 239 -3.56 10.30 -7.31
N LEU A 240 -2.85 10.81 -6.31
CA LEU A 240 -1.39 10.87 -6.36
C LEU A 240 -0.74 10.04 -5.26
N LYS A 241 0.26 9.24 -5.63
CA LYS A 241 1.03 8.47 -4.66
C LYS A 241 2.45 9.02 -4.54
N TRP A 242 2.79 9.50 -3.35
CA TRP A 242 4.11 10.07 -3.12
C TRP A 242 4.96 9.12 -2.28
N LYS A 243 6.25 9.04 -2.58
CA LYS A 243 7.16 8.18 -1.84
C LYS A 243 8.55 8.78 -1.77
N PRO A 244 9.14 8.79 -0.56
CA PRO A 244 10.52 9.29 -0.41
C PRO A 244 11.51 8.36 -1.11
N LYS A 245 12.73 8.84 -1.31
CA LYS A 245 13.75 8.11 -2.05
C LYS A 245 14.08 6.74 -1.45
N GLU A 246 14.01 6.64 -0.13
CA GLU A 246 14.37 5.42 0.59
C GLU A 246 13.37 4.27 0.42
N MET A 247 12.20 4.57 -0.17
CA MET A 247 11.18 3.54 -0.38
C MET A 247 11.48 2.71 -1.63
N ASN A 248 12.10 3.35 -2.61
CA ASN A 248 12.44 2.67 -3.85
C ASN A 248 13.63 1.73 -3.67
N THR A 249 13.33 0.48 -3.34
CA THR A 249 14.35 -0.53 -3.10
C THR A 249 14.54 -1.42 -4.32
N ILE A 250 15.79 -1.79 -4.59
CA ILE A 250 16.09 -2.71 -5.69
C ILE A 250 16.86 -3.91 -5.17
N ASP A 251 16.56 -5.08 -5.72
CA ASP A 251 17.24 -6.30 -5.32
C ASP A 251 18.38 -6.63 -6.27
N PHE A 252 19.60 -6.70 -5.75
CA PHE A 252 20.78 -6.95 -6.56
C PHE A 252 21.46 -8.27 -6.18
N MET A 253 22.43 -8.67 -7.00
CA MET A 253 23.29 -9.80 -6.69
C MET A 253 24.55 -9.26 -6.05
N LEU A 254 24.84 -9.68 -4.82
CA LEU A 254 26.00 -9.18 -4.09
C LEU A 254 27.25 -10.04 -4.30
N LYS A 255 28.36 -9.39 -4.60
CA LYS A 255 29.64 -10.08 -4.74
C LYS A 255 30.73 -9.35 -3.97
N LEU A 256 31.41 -10.08 -3.08
CA LEU A 256 32.50 -9.50 -2.29
C LEU A 256 33.84 -9.69 -3.01
N GLU A 257 34.39 -8.58 -3.50
CA GLU A 257 35.65 -8.61 -4.23
C GLU A 257 36.82 -8.22 -3.32
N PHE A 258 37.59 -9.23 -2.90
CA PHE A 258 38.79 -8.99 -2.10
C PHE A 258 39.99 -8.84 -3.03
N ALA A 259 40.60 -7.65 -3.01
CA ALA A 259 41.76 -7.39 -3.84
C ALA A 259 42.92 -8.32 -3.48
N GLN A 260 43.66 -8.76 -4.49
CA GLN A 260 44.80 -9.63 -4.26
C GLN A 260 45.93 -8.85 -3.60
N PRO A 261 46.36 -9.31 -2.42
CA PRO A 261 47.42 -8.62 -1.67
C PRO A 261 48.78 -8.74 -2.36
N GLU A 262 49.67 -7.79 -2.07
CA GLU A 262 51.01 -7.79 -2.65
C GLU A 262 51.78 -9.05 -2.26
N GLU A 263 51.63 -9.48 -1.01
CA GLU A 263 52.29 -10.68 -0.52
C GLU A 263 51.47 -11.33 0.59
N GLY A 264 51.50 -12.66 0.64
CA GLY A 264 50.75 -13.40 1.64
C GLY A 264 49.34 -13.70 1.20
N ASP A 265 48.62 -14.46 2.01
CA ASP A 265 47.24 -14.83 1.70
C ASP A 265 46.31 -13.63 1.86
N ILE A 266 45.14 -13.70 1.22
CA ILE A 266 44.18 -12.60 1.26
C ILE A 266 43.62 -12.40 2.67
N ASP A 267 43.70 -11.16 3.17
CA ASP A 267 43.13 -10.83 4.46
C ASP A 267 41.64 -10.54 4.32
N TYR A 268 40.82 -11.49 4.75
CA TYR A 268 39.37 -11.36 4.61
C TYR A 268 38.75 -10.49 5.70
N SER A 269 39.53 -10.21 6.74
CA SER A 269 39.08 -9.32 7.81
C SER A 269 39.01 -7.88 7.33
N ALA A 270 39.74 -7.60 6.25
CA ALA A 270 39.72 -6.27 5.65
C ALA A 270 38.47 -6.09 4.79
N MET A 271 37.97 -4.85 4.73
CA MET A 271 36.77 -4.56 3.95
C MET A 271 37.02 -4.73 2.46
N PRO A 272 36.18 -5.54 1.80
CA PRO A 272 36.28 -5.79 0.36
C PRO A 272 35.42 -4.83 -0.43
N GLU A 273 35.30 -5.07 -1.73
CA GLU A 273 34.44 -4.27 -2.59
C GLU A 273 33.08 -4.95 -2.70
N PHE A 274 32.03 -4.25 -2.28
CA PHE A 274 30.68 -4.81 -2.35
C PHE A 274 30.03 -4.48 -3.68
N GLN A 275 30.21 -5.38 -4.66
CA GLN A 275 29.69 -5.16 -6.01
C GLN A 275 28.25 -5.64 -6.16
N LEU A 276 27.41 -4.77 -6.70
CA LEU A 276 26.01 -5.10 -6.93
C LEU A 276 25.76 -5.34 -8.41
N GLY A 277 25.11 -6.46 -8.73
CA GLY A 277 24.82 -6.81 -10.10
C GLY A 277 23.34 -6.90 -10.40
N VAL A 278 22.99 -6.60 -11.65
CA VAL A 278 21.60 -6.64 -12.10
C VAL A 278 21.37 -7.83 -13.04
N TRP A 279 20.26 -8.53 -12.82
CA TRP A 279 19.88 -9.66 -13.68
C TRP A 279 19.37 -9.14 -15.02
N GLU A 280 20.11 -9.43 -16.09
CA GLU A 280 19.73 -8.98 -17.43
C GLU A 280 19.11 -10.12 -18.23
N GLY A 281 19.94 -11.05 -18.67
CA GLY A 281 19.46 -12.19 -19.44
C GLY A 281 18.78 -13.21 -18.56
N ARG A 282 19.10 -14.48 -18.76
CA ARG A 282 18.51 -15.55 -17.96
C ARG A 282 19.57 -16.09 -17.01
N ASN A 283 20.80 -16.16 -17.49
CA ASN A 283 21.93 -16.62 -16.70
C ASN A 283 22.95 -15.51 -16.58
N MET A 284 22.72 -14.41 -17.29
CA MET A 284 23.69 -13.32 -17.36
C MET A 284 23.32 -12.13 -16.47
N TYR A 285 24.26 -11.76 -15.60
CA TYR A 285 24.12 -10.57 -14.79
C TYR A 285 25.09 -9.52 -15.31
N SER A 286 24.95 -8.28 -14.83
CA SER A 286 25.87 -7.21 -15.24
C SER A 286 26.19 -6.31 -14.06
N PHE A 287 27.45 -5.86 -13.97
CA PHE A 287 27.87 -4.96 -12.91
C PHE A 287 27.09 -3.66 -12.97
N PHE A 288 26.58 -3.21 -11.83
CA PHE A 288 25.78 -1.99 -11.79
C PHE A 288 26.43 -0.90 -10.91
N ALA A 289 26.56 -1.17 -9.62
CA ALA A 289 27.09 -0.18 -8.71
C ALA A 289 27.77 -0.81 -7.49
N PHE A 290 28.14 0.04 -6.53
CA PHE A 290 28.78 -0.39 -5.31
C PHE A 290 27.86 -0.20 -4.12
N MET A 291 27.92 -1.11 -3.16
CA MET A 291 27.13 -0.99 -1.94
C MET A 291 28.01 -0.42 -0.85
N TYR A 292 27.69 0.80 -0.41
CA TYR A 292 28.49 1.46 0.61
C TYR A 292 28.33 0.83 1.98
N VAL A 293 29.46 0.48 2.59
CA VAL A 293 29.48 -0.09 3.93
C VAL A 293 30.62 0.51 4.74
N ASP A 294 30.31 1.08 5.90
CA ASP A 294 31.34 1.63 6.78
C ASP A 294 31.89 0.53 7.69
N GLU A 295 32.90 0.86 8.48
CA GLU A 295 33.56 -0.13 9.34
C GLU A 295 32.64 -0.76 10.39
N LYS A 296 31.77 0.05 10.98
CA LYS A 296 30.82 -0.45 11.96
C LYS A 296 29.87 -1.43 11.30
N GLU A 297 29.38 -1.06 10.12
CA GLU A 297 28.47 -1.91 9.36
C GLU A 297 29.18 -3.16 8.85
N TRP A 298 30.48 -3.04 8.57
CA TRP A 298 31.26 -4.18 8.11
C TRP A 298 31.47 -5.19 9.23
N GLU A 299 31.80 -4.70 10.42
CA GLU A 299 31.94 -5.55 11.60
C GLU A 299 30.58 -6.13 11.95
N LYS A 300 29.53 -5.40 11.58
CA LYS A 300 28.16 -5.84 11.79
C LYS A 300 27.84 -7.03 10.87
N LEU A 301 28.33 -6.97 9.64
CA LEU A 301 28.11 -8.03 8.67
C LEU A 301 28.87 -9.30 9.03
N LYS A 302 30.06 -9.14 9.57
CA LYS A 302 30.88 -10.28 10.00
C LYS A 302 30.34 -10.87 11.31
N SER A 303 29.44 -10.14 11.95
CA SER A 303 28.85 -10.59 13.21
C SER A 303 27.77 -11.64 12.97
N PHE A 304 27.28 -11.70 11.73
CA PHE A 304 26.26 -12.68 11.37
C PHE A 304 26.93 -14.05 11.19
N ASN A 305 28.18 -14.03 10.73
CA ASN A 305 28.93 -15.24 10.40
C ASN A 305 28.23 -16.09 9.35
N VAL A 306 27.69 -15.43 8.34
CA VAL A 306 27.01 -16.09 7.24
C VAL A 306 27.69 -15.72 5.92
N PRO A 307 27.53 -16.56 4.88
CA PRO A 307 28.09 -16.23 3.58
C PRO A 307 27.48 -14.93 3.04
N LEU A 308 28.32 -13.96 2.71
CA LEU A 308 27.83 -12.67 2.24
C LEU A 308 27.81 -12.56 0.73
N SER A 309 28.82 -13.14 0.08
CA SER A 309 28.93 -13.07 -1.37
C SER A 309 28.01 -14.07 -2.06
N GLU A 310 27.68 -13.78 -3.32
CA GLU A 310 26.87 -14.65 -4.17
C GLU A 310 25.46 -14.90 -3.62
N ARG A 311 24.69 -13.83 -3.44
CA ARG A 311 23.31 -13.95 -2.99
C ARG A 311 22.53 -12.64 -3.18
N ILE A 312 21.21 -12.75 -3.28
CA ILE A 312 20.36 -11.58 -3.51
C ILE A 312 20.24 -10.72 -2.26
N VAL A 313 20.33 -9.40 -2.43
CA VAL A 313 20.16 -8.47 -1.32
C VAL A 313 19.24 -7.32 -1.73
N GLU A 314 18.53 -6.76 -0.76
CA GLU A 314 17.65 -5.62 -1.01
C GLU A 314 18.37 -4.35 -0.58
N CYS A 315 18.45 -3.37 -1.49
CA CYS A 315 19.17 -2.14 -1.20
C CYS A 315 18.35 -0.89 -1.52
N TYR A 316 18.68 0.21 -0.85
CA TYR A 316 17.98 1.48 -1.04
C TYR A 316 18.95 2.64 -1.19
N LEU A 317 18.51 3.68 -1.90
CA LEU A 317 19.32 4.89 -2.07
C LEU A 317 19.20 5.79 -0.84
N ASP A 318 20.33 6.05 -0.18
CA ASP A 318 20.34 6.95 0.95
C ASP A 318 20.34 8.40 0.48
N ASP A 319 20.45 9.34 1.40
CA ASP A 319 20.45 10.76 1.07
C ASP A 319 21.72 11.18 0.33
N GLU A 320 22.71 10.29 0.31
CA GLU A 320 23.99 10.56 -0.36
C GLU A 320 24.01 9.89 -1.73
N ASN A 321 22.87 9.36 -2.16
CA ASN A 321 22.74 8.67 -3.44
C ASN A 321 23.66 7.46 -3.62
N ARG A 322 23.83 6.70 -2.55
CA ARG A 322 24.58 5.44 -2.62
C ARG A 322 23.81 4.31 -1.95
N TRP A 323 23.88 3.12 -2.55
CA TRP A 323 23.09 1.98 -2.08
C TRP A 323 23.59 1.42 -0.74
N ARG A 324 22.68 1.27 0.20
CA ARG A 324 23.01 0.72 1.51
C ARG A 324 22.28 -0.62 1.70
N PHE A 325 22.88 -1.50 2.49
CA PHE A 325 22.29 -2.81 2.74
C PHE A 325 21.03 -2.69 3.61
N LEU A 326 20.03 -3.50 3.31
CA LEU A 326 18.78 -3.49 4.06
C LEU A 326 18.50 -4.87 4.67
N ARG A 327 18.36 -5.87 3.80
CA ARG A 327 18.10 -7.24 4.22
C ARG A 327 18.44 -8.20 3.09
N PHE A 328 18.57 -9.48 3.42
CA PHE A 328 18.82 -10.49 2.39
C PHE A 328 17.50 -10.89 1.73
N ARG A 329 17.60 -11.51 0.56
CA ARG A 329 16.41 -12.00 -0.14
C ARG A 329 16.58 -13.48 -0.44
N ASP A 330 16.34 -14.30 0.57
CA ASP A 330 16.51 -15.74 0.47
C ASP A 330 15.48 -16.40 -0.45
N ASP A 331 14.35 -15.71 -0.64
CA ASP A 331 13.27 -16.24 -1.47
C ASP A 331 13.50 -15.99 -2.96
N LYS A 332 13.98 -14.79 -3.29
CA LYS A 332 14.19 -14.43 -4.69
C LYS A 332 15.18 -15.33 -5.40
N ARG A 333 14.79 -15.83 -6.56
CA ARG A 333 15.62 -16.72 -7.35
C ARG A 333 16.69 -15.92 -8.09
N ASP A 334 16.29 -14.76 -8.60
CA ASP A 334 17.20 -13.87 -9.30
C ASP A 334 16.95 -12.42 -8.89
N ALA A 335 17.93 -11.56 -9.14
CA ALA A 335 17.80 -10.14 -8.83
C ALA A 335 16.75 -9.49 -9.71
N ASN A 336 16.45 -8.23 -9.44
CA ASN A 336 15.48 -7.49 -10.25
C ASN A 336 15.96 -7.36 -11.69
N HIS A 337 15.08 -7.66 -12.64
CA HIS A 337 15.42 -7.58 -14.06
C HIS A 337 15.78 -6.14 -14.42
N ILE A 338 16.57 -5.98 -15.48
CA ILE A 338 17.03 -4.66 -15.91
C ILE A 338 15.87 -3.70 -16.17
N SER A 339 14.73 -4.25 -16.57
CA SER A 339 13.52 -3.45 -16.81
C SER A 339 13.02 -2.85 -15.50
N THR A 340 12.90 -3.69 -14.48
CA THR A 340 12.47 -3.27 -13.15
C THR A 340 13.43 -2.23 -12.57
N VAL A 341 14.73 -2.50 -12.70
CA VAL A 341 15.77 -1.59 -12.22
C VAL A 341 15.65 -0.23 -12.90
N LYS A 342 15.47 -0.25 -14.22
CA LYS A 342 15.29 0.97 -14.99
C LYS A 342 14.07 1.75 -14.51
N SER A 343 12.97 1.03 -14.29
CA SER A 343 11.74 1.64 -13.83
C SER A 343 11.91 2.31 -12.47
N VAL A 344 12.54 1.61 -11.54
CA VAL A 344 12.79 2.15 -10.20
C VAL A 344 13.70 3.38 -10.27
N LEU A 345 14.73 3.29 -11.11
CA LEU A 345 15.64 4.41 -11.30
C LEU A 345 14.90 5.62 -11.86
N GLN A 346 13.91 5.38 -12.71
CA GLN A 346 13.09 6.45 -13.25
C GLN A 346 12.18 7.04 -12.17
N SER A 347 11.70 6.18 -11.28
CA SER A 347 10.86 6.63 -10.17
C SER A 347 11.64 7.51 -9.21
N ILE A 348 12.91 7.16 -8.98
CA ILE A 348 13.79 7.93 -8.11
C ILE A 348 14.19 9.24 -8.79
N GLU A 349 14.47 9.17 -10.08
CA GLU A 349 14.85 10.34 -10.87
C GLU A 349 13.72 11.38 -10.85
N ASP A 350 12.49 10.89 -11.02
CA ASP A 350 11.32 11.77 -10.94
C ASP A 350 10.87 11.87 -9.48
N GLY A 351 9.66 12.38 -9.29
CA GLY A 351 9.12 12.51 -7.94
C GLY A 351 9.69 13.70 -7.18
N VAL A 352 8.94 14.17 -6.19
CA VAL A 352 9.35 15.33 -5.40
C VAL A 352 10.01 14.88 -4.09
N SER A 353 11.08 15.57 -3.70
CA SER A 353 11.75 15.28 -2.45
C SER A 353 10.87 15.69 -1.27
N LYS A 354 11.18 15.14 -0.10
CA LYS A 354 10.44 15.44 1.12
C LYS A 354 10.55 16.92 1.44
N GLU A 355 11.73 17.48 1.21
CA GLU A 355 12.01 18.88 1.47
C GLU A 355 11.21 19.80 0.54
N ASP A 356 11.38 19.60 -0.76
CA ASP A 356 10.69 20.41 -1.77
C ASP A 356 9.17 20.23 -1.72
N LEU A 357 8.71 19.16 -1.08
CA LEU A 357 7.29 18.94 -0.90
C LEU A 357 6.80 19.71 0.33
N LEU A 358 7.57 19.65 1.41
CA LEU A 358 7.23 20.36 2.64
C LEU A 358 7.23 21.88 2.44
N LYS A 359 8.22 22.37 1.69
CA LYS A 359 8.36 23.81 1.44
C LYS A 359 7.13 24.44 0.79
N GLU A 360 6.27 23.62 0.20
CA GLU A 360 5.11 24.13 -0.53
C GLU A 360 3.83 24.09 0.31
N MET A 361 3.91 23.49 1.48
CA MET A 361 2.74 23.35 2.36
C MET A 361 2.06 24.66 2.83
N PRO A 362 2.84 25.65 3.31
CA PRO A 362 2.20 26.89 3.76
C PRO A 362 1.44 27.60 2.64
N ILE A 363 1.88 27.41 1.40
CA ILE A 363 1.21 28.02 0.25
C ILE A 363 -0.08 27.27 -0.08
N ILE A 364 -0.04 25.95 -0.01
CA ILE A 364 -1.21 25.12 -0.26
C ILE A 364 -2.29 25.38 0.79
N ARG A 365 -1.87 25.60 2.04
CA ARG A 365 -2.79 25.89 3.14
C ARG A 365 -3.55 27.19 2.88
N GLU A 366 -2.82 28.25 2.57
CA GLU A 366 -3.42 29.56 2.34
C GLU A 366 -4.26 29.60 1.06
N ALA A 367 -3.82 28.88 0.03
CA ALA A 367 -4.56 28.81 -1.22
C ALA A 367 -5.86 28.04 -1.01
N TYR A 368 -5.85 27.10 -0.08
CA TYR A 368 -7.03 26.32 0.27
C TYR A 368 -8.05 27.19 0.99
N TYR A 369 -7.57 27.94 1.99
CA TYR A 369 -8.43 28.83 2.77
C TYR A 369 -8.91 30.03 1.94
N ASN A 370 -8.27 30.24 0.80
CA ASN A 370 -8.61 31.37 -0.07
C ASN A 370 -9.76 31.05 -1.01
N ARG A 371 -9.75 29.83 -1.57
CA ARG A 371 -10.81 29.41 -2.47
C ARG A 371 -11.99 28.84 -1.70
N LYS A 372 -11.87 28.84 -0.37
CA LYS A 372 -12.89 28.27 0.51
C LYS A 372 -14.25 28.92 0.32
N LYS A 373 -15.30 28.13 0.48
CA LYS A 373 -16.68 28.60 0.34
C LYS A 373 -17.16 29.22 1.65
N PRO A 374 -17.55 30.50 1.59
CA PRO A 374 -18.07 31.22 2.76
C PRO A 374 -19.32 30.56 3.33
N ALA B 3 32.43 -11.93 -11.54
CA ALA B 3 32.66 -12.45 -12.88
C ALA B 3 31.41 -12.27 -13.76
N TRP B 4 31.16 -11.02 -14.15
CA TRP B 4 29.99 -10.69 -14.97
C TRP B 4 30.25 -9.58 -15.98
N ASN B 5 29.25 -9.29 -16.79
CA ASN B 5 29.35 -8.29 -17.85
C ASN B 5 29.51 -6.86 -17.34
N SER B 6 29.92 -5.96 -18.23
CA SER B 6 30.09 -4.54 -17.92
C SER B 6 31.06 -4.27 -16.77
#